data_5NYR
#
_entry.id   5NYR
#
_cell.length_a   174.490
_cell.length_b   174.490
_cell.length_c   39.370
_cell.angle_alpha   90.00
_cell.angle_beta   90.00
_cell.angle_gamma   120.00
#
_symmetry.space_group_name_H-M   'H 3'
#
loop_
_entity.id
_entity.type
_entity.pdbx_description
1 polymer Anbu
2 non-polymer 'SULFATE ION'
3 water water
#
_entity_poly.entity_id   1
_entity_poly.type   'polypeptide(L)'
_entity_poly.pdbx_seq_one_letter_code
;MTYAVAFRLERGLVFAADTRTNAGVDNIAQYKKLQLWRQPGERVFVLLSAGNLAATQAVVSLINEHLSQETDDEVTTLFT
APNMYRAARVVGDAVREARSIDGAALEASKLGFNTNFIFGGQIKGERPRLFQIYPEGNFIEATDDTPFFQIGEHKYGKPI
LDRVARSDMRLGEAAKLMLLSFDSTLRSNLSVGMPIDLVIYERDTFDVTREKRISADDEYFRNLSNAWSDALRQAFSKIE
EFDV
;
_entity_poly.pdbx_strand_id   A,B
#
loop_
_chem_comp.id
_chem_comp.type
_chem_comp.name
_chem_comp.formula
SO4 non-polymer 'SULFATE ION' 'O4 S -2'
#
# COMPACT_ATOMS: atom_id res chain seq x y z
N THR A 2 26.83 -9.09 2.70
CA THR A 2 25.44 -8.86 2.23
C THR A 2 25.37 -7.96 0.98
N TYR A 3 24.19 -7.92 0.38
CA TYR A 3 23.93 -7.15 -0.84
C TYR A 3 22.57 -6.47 -0.72
N ALA A 4 22.46 -5.25 -1.24
CA ALA A 4 21.18 -4.55 -1.32
C ALA A 4 21.10 -3.71 -2.59
N VAL A 5 19.86 -3.51 -3.05
CA VAL A 5 19.60 -2.85 -4.33
C VAL A 5 18.27 -2.10 -4.26
N ALA A 6 18.20 -0.96 -4.96
CA ALA A 6 16.98 -0.16 -5.03
C ALA A 6 16.83 0.50 -6.39
N PHE A 7 15.57 0.64 -6.82
CA PHE A 7 15.20 1.19 -8.13
C PHE A 7 14.30 2.41 -7.94
N ARG A 8 14.56 3.49 -8.69
CA ARG A 8 13.63 4.62 -8.79
C ARG A 8 12.91 4.55 -10.14
N LEU A 9 11.59 4.49 -10.09
CA LEU A 9 10.76 4.39 -11.28
C LEU A 9 9.72 5.50 -11.28
N GLU A 10 9.02 5.66 -12.40
CA GLU A 10 7.94 6.64 -12.50
C GLU A 10 6.81 6.32 -11.53
N ARG A 11 6.47 5.04 -11.40
CA ARG A 11 5.41 4.59 -10.50
C ARG A 11 5.79 4.54 -9.00
N GLY A 12 7.09 4.60 -8.70
CA GLY A 12 7.56 4.66 -7.31
C GLY A 12 8.95 4.09 -7.09
N LEU A 13 9.17 3.51 -5.91
CA LEU A 13 10.47 2.96 -5.51
C LEU A 13 10.36 1.48 -5.14
N VAL A 14 11.43 0.73 -5.42
CA VAL A 14 11.52 -0.68 -5.01
C VAL A 14 12.84 -0.87 -4.26
N PHE A 15 12.78 -1.53 -3.10
CA PHE A 15 13.93 -1.75 -2.24
C PHE A 15 14.07 -3.25 -1.97
N ALA A 16 15.30 -3.76 -2.01
CA ALA A 16 15.58 -5.17 -1.70
C ALA A 16 16.91 -5.33 -0.97
N ALA A 17 16.93 -6.24 0.00
CA ALA A 17 18.12 -6.55 0.77
C ALA A 17 18.01 -7.95 1.38
N ASP A 18 19.10 -8.72 1.32
CA ASP A 18 19.14 -10.03 1.99
C ASP A 18 19.37 -9.85 3.49
N THR A 19 18.98 -10.87 4.27
CA THR A 19 19.03 -10.80 5.73
C THR A 19 20.46 -10.98 6.25
N LYS A 32 18.07 -5.69 11.23
CA LYS A 32 17.39 -5.78 9.94
C LYS A 32 18.05 -4.84 8.92
N LYS A 33 18.36 -5.36 7.74
CA LYS A 33 19.06 -4.60 6.69
C LYS A 33 18.17 -3.57 5.97
N LEU A 34 16.85 -3.71 6.10
CA LEU A 34 15.87 -2.76 5.56
C LEU A 34 15.14 -2.10 6.73
N GLN A 35 15.30 -0.78 6.85
CA GLN A 35 14.74 -0.01 7.96
C GLN A 35 13.67 0.98 7.46
N LEU A 36 12.60 1.14 8.24
CA LEU A 36 11.42 1.93 7.82
C LEU A 36 11.06 3.00 8.86
N TRP A 37 10.82 4.22 8.38
CA TRP A 37 10.22 5.29 9.16
C TRP A 37 9.00 5.80 8.42
N ARG A 38 8.03 6.31 9.17
CA ARG A 38 6.74 6.63 8.60
C ARG A 38 5.91 7.58 9.49
N GLN A 39 5.37 8.63 8.87
CA GLN A 39 4.25 9.38 9.42
C GLN A 39 3.10 9.21 8.42
N PRO A 40 2.04 8.47 8.80
CA PRO A 40 0.93 8.20 7.86
C PRO A 40 0.38 9.44 7.15
N GLY A 41 0.34 9.40 5.83
CA GLY A 41 -0.16 10.52 5.02
C GLY A 41 0.82 11.61 4.65
N GLU A 42 1.95 11.69 5.36
CA GLU A 42 2.91 12.80 5.24
C GLU A 42 4.25 12.37 4.65
N ARG A 43 4.82 11.26 5.13
CA ARG A 43 6.16 10.86 4.72
C ARG A 43 6.48 9.39 5.00
N VAL A 44 7.31 8.81 4.14
CA VAL A 44 7.84 7.45 4.27
C VAL A 44 9.32 7.47 3.90
N PHE A 45 10.14 6.78 4.69
CA PHE A 45 11.58 6.66 4.41
C PHE A 45 12.02 5.21 4.55
N VAL A 46 12.87 4.77 3.63
CA VAL A 46 13.50 3.44 3.70
C VAL A 46 15.01 3.60 3.62
N LEU A 47 15.72 3.02 4.59
CA LEU A 47 17.18 2.93 4.56
C LEU A 47 17.58 1.48 4.31
N LEU A 48 18.44 1.25 3.32
CA LEU A 48 19.05 -0.06 3.08
C LEU A 48 20.51 -0.04 3.50
N SER A 49 20.94 -1.11 4.16
CA SER A 49 22.33 -1.30 4.58
C SER A 49 22.88 -2.60 4.01
N ALA A 50 24.19 -2.62 3.76
CA ALA A 50 24.92 -3.85 3.42
C ALA A 50 26.28 -3.91 4.13
N GLY A 51 26.36 -3.32 5.32
CA GLY A 51 27.56 -3.37 6.16
C GLY A 51 27.33 -4.34 7.30
N ASN A 52 28.19 -4.27 8.31
CA ASN A 52 28.05 -5.11 9.51
C ASN A 52 26.84 -4.67 10.35
N LEU A 53 26.45 -5.52 11.30
CA LEU A 53 25.24 -5.32 12.09
C LEU A 53 25.37 -4.15 13.07
N ALA A 54 26.56 -3.95 13.63
CA ALA A 54 26.84 -2.82 14.51
C ALA A 54 26.80 -1.47 13.79
N ALA A 55 27.26 -1.45 12.53
CA ALA A 55 27.27 -0.24 11.70
C ALA A 55 25.85 0.23 11.35
N THR A 56 24.97 -0.72 11.01
CA THR A 56 23.58 -0.41 10.70
C THR A 56 22.84 0.13 11.94
N GLN A 57 23.00 -0.56 13.06
CA GLN A 57 22.39 -0.16 14.33
C GLN A 57 22.85 1.22 14.81
N ALA A 58 24.13 1.53 14.61
CA ALA A 58 24.69 2.84 14.98
C ALA A 58 24.04 3.99 14.22
N VAL A 59 23.86 3.81 12.90
CA VAL A 59 23.22 4.82 12.06
C VAL A 59 21.73 4.96 12.41
N VAL A 60 21.05 3.83 12.57
CA VAL A 60 19.63 3.82 12.95
C VAL A 60 19.41 4.51 14.30
N SER A 61 20.27 4.21 15.28
CA SER A 61 20.17 4.79 16.62
C SER A 61 20.33 6.32 16.65
N LEU A 62 21.25 6.83 15.82
CA LEU A 62 21.47 8.29 15.73
C LEU A 62 20.29 9.01 15.08
N ILE A 63 19.73 8.43 14.01
CA ILE A 63 18.51 8.94 13.38
C ILE A 63 17.38 9.00 14.42
N ASN A 64 17.19 7.89 15.14
CA ASN A 64 16.12 7.78 16.14
C ASN A 64 16.35 8.68 17.37
N GLU A 65 17.61 8.87 17.76
CA GLU A 65 17.97 9.78 18.87
C GLU A 65 17.46 11.19 18.62
N HIS A 66 17.70 11.70 17.42
CA HIS A 66 17.22 13.03 17.01
C HIS A 66 15.69 13.12 16.92
N LEU A 67 15.04 12.03 16.50
CA LEU A 67 13.57 11.99 16.47
C LEU A 67 12.96 11.92 17.88
N SER A 68 13.65 11.25 18.81
CA SER A 68 13.10 10.95 20.14
C SER A 68 13.54 11.89 21.26
N GLN A 69 14.77 12.44 21.17
CA GLN A 69 15.38 13.21 22.27
C GLN A 69 15.89 14.62 21.94
N GLU A 70 15.70 15.09 20.70
CA GLU A 70 16.29 16.38 20.30
C GLU A 70 15.58 17.56 20.94
N THR A 71 16.36 18.46 21.54
CA THR A 71 15.84 19.68 22.18
C THR A 71 15.89 20.90 21.26
N ASP A 72 16.94 21.00 20.44
CA ASP A 72 17.15 22.15 19.55
C ASP A 72 16.19 22.11 18.35
N ASP A 73 15.36 23.15 18.23
CA ASP A 73 14.38 23.27 17.13
C ASP A 73 15.01 23.44 15.75
N GLU A 74 16.22 23.99 15.68
CA GLU A 74 16.90 24.25 14.41
C GLU A 74 17.46 23.00 13.73
N VAL A 75 17.71 21.93 14.50
CA VAL A 75 18.30 20.71 13.97
C VAL A 75 17.25 19.94 13.16
N THR A 76 17.54 19.71 11.88
CA THR A 76 16.64 18.98 10.99
C THR A 76 16.64 17.49 11.32
N THR A 77 15.44 16.91 11.41
CA THR A 77 15.27 15.47 11.59
C THR A 77 14.52 14.92 10.38
N LEU A 78 14.34 13.60 10.33
CA LEU A 78 13.54 12.97 9.26
C LEU A 78 12.09 13.45 9.22
N PHE A 79 11.53 13.82 10.39
CA PHE A 79 10.14 14.28 10.46
C PHE A 79 9.94 15.80 10.33
N THR A 80 11.02 16.59 10.40
CA THR A 80 10.96 18.04 10.10
C THR A 80 11.57 18.42 8.75
N ALA A 81 12.26 17.50 8.08
CA ALA A 81 12.83 17.75 6.76
C ALA A 81 11.73 18.13 5.76
N PRO A 82 11.84 19.32 5.11
CA PRO A 82 10.77 19.74 4.18
C PRO A 82 10.79 19.02 2.83
N ASN A 83 11.93 18.47 2.43
CA ASN A 83 12.04 17.68 1.20
C ASN A 83 13.03 16.52 1.37
N MET A 84 13.10 15.64 0.37
CA MET A 84 13.92 14.43 0.45
C MET A 84 15.44 14.69 0.36
N TYR A 85 15.85 15.79 -0.27
CA TYR A 85 17.26 16.21 -0.26
C TYR A 85 17.70 16.55 1.17
N ARG A 86 16.88 17.33 1.87
CA ARG A 86 17.13 17.67 3.27
C ARG A 86 17.12 16.42 4.16
N ALA A 87 16.23 15.47 3.87
CA ALA A 87 16.19 14.19 4.59
C ALA A 87 17.46 13.34 4.35
N ALA A 88 17.96 13.36 3.12
CA ALA A 88 19.21 12.65 2.80
C ALA A 88 20.42 13.21 3.57
N ARG A 89 20.44 14.54 3.74
CA ARG A 89 21.47 15.19 4.56
C ARG A 89 21.43 14.76 6.03
N VAL A 90 20.23 14.56 6.57
CA VAL A 90 20.05 14.03 7.94
C VAL A 90 20.66 12.63 8.06
N VAL A 91 20.42 11.78 7.06
CA VAL A 91 20.96 10.42 7.05
C VAL A 91 22.47 10.45 6.84
N GLY A 92 22.92 11.33 5.94
CA GLY A 92 24.34 11.59 5.74
C GLY A 92 25.10 11.96 7.01
N ASP A 93 24.47 12.78 7.85
CA ASP A 93 25.04 13.13 9.16
C ASP A 93 25.17 11.92 10.08
N ALA A 94 24.13 11.10 10.12
CA ALA A 94 24.12 9.87 10.91
C ALA A 94 25.19 8.86 10.47
N VAL A 95 25.32 8.68 9.16
CA VAL A 95 26.33 7.76 8.58
C VAL A 95 27.75 8.22 8.93
N ARG A 96 27.98 9.53 8.83
CA ARG A 96 29.27 10.14 9.18
C ARG A 96 29.59 10.01 10.67
N GLU A 97 28.61 10.35 11.50
CA GLU A 97 28.78 10.28 12.96
C GLU A 97 28.84 8.86 13.53
N ALA A 98 28.23 7.89 12.84
CA ALA A 98 28.28 6.48 13.25
C ALA A 98 29.68 5.87 13.23
N ARG A 99 30.56 6.38 12.35
CA ARG A 99 31.96 5.96 12.29
C ARG A 99 32.74 6.24 13.59
N SER A 100 32.38 7.32 14.28
CA SER A 100 32.97 7.66 15.59
C SER A 100 32.60 6.64 16.67
N ILE A 101 31.36 6.15 16.64
CA ILE A 101 30.90 5.10 17.55
C ILE A 101 31.56 3.77 17.16
N ASN A 114 32.55 1.85 6.43
CA ASN A 114 33.15 1.07 5.36
C ASN A 114 32.28 1.07 4.10
N THR A 115 31.03 0.60 4.25
CA THR A 115 30.11 0.41 3.13
C THR A 115 29.15 1.59 2.94
N ASN A 116 28.54 1.63 1.77
CA ASN A 116 27.53 2.64 1.44
C ASN A 116 26.15 2.23 1.97
N PHE A 117 25.25 3.21 2.04
CA PHE A 117 23.84 2.99 2.32
C PHE A 117 23.01 3.50 1.16
N ILE A 118 21.81 2.97 1.02
CA ILE A 118 20.81 3.50 0.08
C ILE A 118 19.68 4.07 0.92
N PHE A 119 19.22 5.26 0.55
CA PHE A 119 18.16 5.95 1.26
C PHE A 119 17.15 6.53 0.26
N GLY A 120 15.88 6.22 0.46
CA GLY A 120 14.83 6.72 -0.41
C GLY A 120 13.51 6.86 0.31
N GLY A 121 12.57 7.52 -0.37
CA GLY A 121 11.25 7.74 0.20
C GLY A 121 10.51 8.88 -0.47
N GLN A 122 9.48 9.37 0.21
CA GLN A 122 8.69 10.48 -0.30
C GLN A 122 8.13 11.33 0.84
N ILE A 123 8.12 12.64 0.64
CA ILE A 123 7.47 13.60 1.53
C ILE A 123 6.36 14.26 0.71
N LYS A 124 5.20 14.48 1.34
CA LYS A 124 4.04 15.04 0.64
C LYS A 124 4.36 16.39 -0.01
N GLY A 125 3.88 16.56 -1.23
CA GLY A 125 4.17 17.75 -2.06
C GLY A 125 5.36 17.59 -3.01
N GLU A 126 6.03 16.44 -2.95
CA GLU A 126 7.23 16.18 -3.75
C GLU A 126 7.22 14.75 -4.29
N ARG A 127 7.89 14.57 -5.43
CA ARG A 127 8.10 13.24 -6.03
C ARG A 127 8.89 12.31 -5.10
N PRO A 128 8.76 10.97 -5.29
CA PRO A 128 9.65 10.06 -4.56
C PRO A 128 11.10 10.18 -5.06
N ARG A 129 12.06 10.14 -4.13
CA ARG A 129 13.47 10.33 -4.47
C ARG A 129 14.34 9.26 -3.80
N LEU A 130 15.45 8.93 -4.47
CA LEU A 130 16.34 7.84 -4.04
C LEU A 130 17.80 8.29 -4.11
N PHE A 131 18.55 7.96 -3.05
CA PHE A 131 19.93 8.41 -2.87
C PHE A 131 20.84 7.26 -2.46
N GLN A 132 22.11 7.39 -2.82
CA GLN A 132 23.17 6.52 -2.32
C GLN A 132 24.08 7.34 -1.41
N ILE A 133 24.23 6.92 -0.15
CA ILE A 133 25.00 7.65 0.85
C ILE A 133 26.37 6.99 0.99
N TYR A 134 27.43 7.80 0.87
CA TYR A 134 28.82 7.35 1.06
C TYR A 134 29.25 7.52 2.52
N PRO A 135 30.36 6.88 2.96
CA PRO A 135 30.76 6.90 4.39
C PRO A 135 30.94 8.27 5.03
N GLU A 136 31.39 9.27 4.28
CA GLU A 136 31.54 10.65 4.79
C GLU A 136 30.25 11.49 4.77
N GLY A 137 29.11 10.88 4.40
CA GLY A 137 27.82 11.56 4.47
C GLY A 137 27.37 12.26 3.20
N ASN A 138 28.31 12.51 2.27
CA ASN A 138 27.96 12.99 0.93
C ASN A 138 27.20 11.90 0.16
N PHE A 139 26.41 12.31 -0.81
CA PHE A 139 25.54 11.41 -1.54
C PHE A 139 25.34 11.79 -3.00
N ILE A 140 24.79 10.85 -3.76
CA ILE A 140 24.33 11.10 -5.13
C ILE A 140 22.90 10.63 -5.27
N GLU A 141 22.15 11.27 -6.17
CA GLU A 141 20.74 10.96 -6.39
C GLU A 141 20.55 10.14 -7.66
N ALA A 142 19.59 9.21 -7.64
CA ALA A 142 19.21 8.45 -8.81
C ALA A 142 18.56 9.35 -9.87
N THR A 143 18.86 9.08 -11.13
CA THR A 143 18.36 9.87 -12.25
C THR A 143 17.64 8.96 -13.26
N ASP A 144 17.08 9.57 -14.31
CA ASP A 144 16.48 8.83 -15.43
C ASP A 144 17.49 7.89 -16.10
N ASP A 145 18.72 8.36 -16.30
CA ASP A 145 19.78 7.59 -16.95
C ASP A 145 20.36 6.50 -16.03
N THR A 146 20.43 6.79 -14.72
CA THR A 146 20.94 5.85 -13.71
C THR A 146 19.85 5.65 -12.64
N PRO A 147 18.84 4.80 -12.94
CA PRO A 147 17.67 4.68 -12.07
C PRO A 147 17.81 3.70 -10.89
N PHE A 148 18.97 3.11 -10.66
CA PHE A 148 19.15 2.18 -9.56
C PHE A 148 20.51 2.31 -8.86
N PHE A 149 20.57 1.85 -7.62
CA PHE A 149 21.80 1.80 -6.85
C PHE A 149 22.00 0.39 -6.30
N GLN A 150 23.28 0.01 -6.17
CA GLN A 150 23.66 -1.27 -5.59
C GLN A 150 24.72 -1.03 -4.52
N ILE A 151 24.60 -1.74 -3.40
CA ILE A 151 25.57 -1.68 -2.30
C ILE A 151 25.87 -3.08 -1.77
N GLY A 152 27.03 -3.22 -1.10
CA GLY A 152 27.52 -4.50 -0.60
C GLY A 152 28.96 -4.74 -1.00
N GLU A 153 29.47 -5.92 -0.71
CA GLU A 153 30.84 -6.30 -1.09
C GLU A 153 31.00 -6.35 -2.61
N HIS A 154 29.98 -6.88 -3.30
CA HIS A 154 29.95 -6.92 -4.76
C HIS A 154 28.58 -6.53 -5.30
N LYS A 155 28.57 -5.77 -6.38
CA LYS A 155 27.33 -5.34 -7.04
C LYS A 155 26.82 -6.47 -7.92
N TYR A 156 26.12 -7.42 -7.31
CA TYR A 156 25.69 -8.64 -8.00
C TYR A 156 24.64 -8.35 -9.07
N GLY A 157 24.89 -8.86 -10.28
CA GLY A 157 23.96 -8.70 -11.41
C GLY A 157 23.92 -7.31 -12.04
N LYS A 158 24.94 -6.48 -11.81
CA LYS A 158 24.99 -5.11 -12.36
C LYS A 158 24.86 -5.04 -13.88
N PRO A 159 25.52 -5.96 -14.63
CA PRO A 159 25.35 -5.95 -16.10
C PRO A 159 23.92 -6.21 -16.57
N ILE A 160 23.22 -7.12 -15.89
CA ILE A 160 21.83 -7.44 -16.23
C ILE A 160 20.91 -6.23 -15.94
N LEU A 161 21.18 -5.52 -14.85
CA LEU A 161 20.43 -4.30 -14.52
C LEU A 161 20.72 -3.18 -15.51
N ASP A 162 22.00 -2.95 -15.82
CA ASP A 162 22.39 -1.93 -16.82
C ASP A 162 21.71 -2.13 -18.18
N ARG A 163 21.64 -3.37 -18.64
CA ARG A 163 21.10 -3.70 -19.96
C ARG A 163 19.57 -3.70 -20.03
N VAL A 164 18.91 -4.20 -18.98
CA VAL A 164 17.46 -4.40 -18.97
C VAL A 164 16.65 -3.27 -18.32
N ALA A 165 17.22 -2.61 -17.31
CA ALA A 165 16.45 -1.62 -16.52
C ALA A 165 16.01 -0.38 -17.29
N ARG A 166 14.75 0.01 -17.09
CA ARG A 166 14.22 1.29 -17.55
C ARG A 166 13.47 1.97 -16.41
N SER A 167 13.49 3.30 -16.37
CA SER A 167 12.79 4.07 -15.34
C SER A 167 11.26 4.03 -15.46
N ASP A 168 10.74 3.60 -16.61
CA ASP A 168 9.28 3.45 -16.82
C ASP A 168 8.74 2.01 -16.71
N MET A 169 9.55 1.10 -16.16
CA MET A 169 9.07 -0.26 -15.83
C MET A 169 8.05 -0.22 -14.70
N ARG A 170 7.17 -1.23 -14.67
CA ARG A 170 6.24 -1.40 -13.56
C ARG A 170 6.99 -1.82 -12.30
N LEU A 171 6.38 -1.58 -11.13
CA LEU A 171 7.01 -1.86 -9.85
C LEU A 171 7.25 -3.36 -9.64
N GLY A 172 6.26 -4.17 -10.03
CA GLY A 172 6.37 -5.63 -10.01
C GLY A 172 7.43 -6.18 -10.95
N GLU A 173 7.57 -5.56 -12.13
CA GLU A 173 8.60 -5.94 -13.10
C GLU A 173 10.00 -5.67 -12.56
N ALA A 174 10.21 -4.48 -12.00
CA ALA A 174 11.49 -4.11 -11.40
C ALA A 174 11.85 -5.01 -10.22
N ALA A 175 10.86 -5.36 -9.40
CA ALA A 175 11.04 -6.29 -8.28
C ALA A 175 11.58 -7.64 -8.75
N LYS A 176 11.00 -8.17 -9.82
CA LYS A 176 11.45 -9.44 -10.42
C LYS A 176 12.90 -9.35 -10.93
N LEU A 177 13.20 -8.28 -11.67
CA LEU A 177 14.55 -8.04 -12.19
C LEU A 177 15.58 -7.91 -11.07
N MET A 178 15.22 -7.20 -10.00
CA MET A 178 16.08 -7.05 -8.83
C MET A 178 16.34 -8.38 -8.11
N LEU A 179 15.31 -9.21 -7.98
CA LEU A 179 15.46 -10.53 -7.36
C LEU A 179 16.35 -11.49 -8.18
N LEU A 180 16.29 -11.38 -9.50
CA LEU A 180 17.17 -12.16 -10.38
C LEU A 180 18.65 -11.72 -10.32
N SER A 181 18.91 -10.49 -9.86
CA SER A 181 20.28 -10.01 -9.62
C SER A 181 20.92 -10.52 -8.32
N PHE A 182 20.12 -11.03 -7.39
CA PHE A 182 20.63 -11.60 -6.13
C PHE A 182 21.45 -12.87 -6.29
N ASP A 183 21.07 -13.71 -7.26
CA ASP A 183 21.66 -15.04 -7.51
C ASP A 183 21.84 -15.89 -6.23
N PRO A 195 16.96 -15.75 1.97
CA PRO A 195 16.04 -14.86 2.67
C PRO A 195 16.25 -13.39 2.23
N ILE A 196 15.27 -12.85 1.52
CA ILE A 196 15.35 -11.50 0.92
C ILE A 196 14.13 -10.67 1.33
N ASP A 197 14.35 -9.55 2.01
CA ASP A 197 13.28 -8.58 2.29
C ASP A 197 13.07 -7.68 1.09
N LEU A 198 11.84 -7.65 0.58
CA LEU A 198 11.46 -6.84 -0.58
C LEU A 198 10.39 -5.85 -0.18
N VAL A 199 10.58 -4.57 -0.54
CA VAL A 199 9.60 -3.51 -0.28
C VAL A 199 9.34 -2.72 -1.58
N ILE A 200 8.07 -2.66 -1.98
CA ILE A 200 7.62 -1.83 -3.09
C ILE A 200 6.90 -0.62 -2.50
N TYR A 201 7.40 0.58 -2.79
CA TYR A 201 6.72 1.81 -2.43
C TYR A 201 6.00 2.39 -3.64
N GLU A 202 4.68 2.49 -3.57
CA GLU A 202 3.87 3.11 -4.62
C GLU A 202 3.79 4.62 -4.41
N ARG A 203 4.05 5.36 -5.48
CA ARG A 203 4.05 6.83 -5.47
C ARG A 203 2.75 7.41 -4.89
N ASP A 204 2.89 8.34 -3.95
CA ASP A 204 1.78 9.08 -3.30
C ASP A 204 0.89 8.26 -2.35
N THR A 205 1.34 7.06 -1.95
CA THR A 205 0.58 6.22 -1.00
C THR A 205 1.01 6.38 0.46
N PHE A 206 2.29 6.72 0.68
CA PHE A 206 2.85 6.90 2.03
C PHE A 206 2.62 5.70 2.96
N ASP A 207 2.83 4.50 2.42
CA ASP A 207 2.82 3.26 3.19
C ASP A 207 3.62 2.17 2.47
N VAL A 208 3.79 1.02 3.14
CA VAL A 208 4.49 -0.12 2.57
C VAL A 208 3.58 -1.36 2.61
N THR A 209 2.45 -1.25 1.92
CA THR A 209 1.47 -2.34 1.78
C THR A 209 2.04 -3.52 0.99
N ARG A 210 2.80 -3.23 -0.07
CA ARG A 210 3.48 -4.25 -0.87
C ARG A 210 4.88 -4.53 -0.33
N GLU A 211 4.92 -5.27 0.78
CA GLU A 211 6.15 -5.74 1.41
C GLU A 211 6.11 -7.26 1.52
N LYS A 212 7.28 -7.91 1.40
CA LYS A 212 7.34 -9.37 1.46
C LYS A 212 8.76 -9.90 1.75
N ARG A 213 8.83 -10.99 2.51
CA ARG A 213 10.08 -11.74 2.71
C ARG A 213 10.07 -12.96 1.79
N ILE A 214 11.18 -13.18 1.09
CA ILE A 214 11.28 -14.22 0.05
C ILE A 214 12.43 -15.16 0.39
N SER A 215 12.10 -16.43 0.65
CA SER A 215 13.09 -17.45 1.01
C SER A 215 13.55 -18.25 -0.21
N ALA A 216 14.54 -19.11 0.00
CA ALA A 216 14.94 -20.12 -1.00
C ALA A 216 13.86 -21.17 -1.20
N ASP A 217 13.09 -21.46 -0.14
CA ASP A 217 11.98 -22.42 -0.20
C ASP A 217 10.75 -21.92 -0.97
N ASP A 218 10.64 -20.61 -1.16
CA ASP A 218 9.49 -19.97 -1.84
C ASP A 218 9.13 -20.62 -3.18
N GLU A 219 7.83 -20.68 -3.47
CA GLU A 219 7.32 -21.37 -4.66
C GLU A 219 7.59 -20.59 -5.94
N TYR A 220 7.17 -19.33 -5.95
CA TYR A 220 7.29 -18.47 -7.13
C TYR A 220 8.73 -18.09 -7.47
N PHE A 221 9.59 -17.99 -6.46
CA PHE A 221 11.02 -17.67 -6.66
C PHE A 221 11.77 -18.78 -7.42
N ARG A 222 11.44 -20.03 -7.12
CA ARG A 222 12.03 -21.19 -7.82
C ARG A 222 11.51 -21.28 -9.25
N ASN A 223 10.20 -21.04 -9.42
CA ASN A 223 9.56 -21.05 -10.75
C ASN A 223 10.03 -19.88 -11.62
N LEU A 224 10.25 -18.71 -11.00
CA LEU A 224 10.85 -17.56 -11.69
C LEU A 224 12.29 -17.86 -12.11
N SER A 225 13.05 -18.46 -11.19
CA SER A 225 14.44 -18.88 -11.45
C SER A 225 14.51 -19.91 -12.58
N ASN A 226 13.61 -20.89 -12.57
CA ASN A 226 13.50 -21.89 -13.65
C ASN A 226 13.19 -21.25 -14.99
N ALA A 227 12.24 -20.32 -15.00
CA ALA A 227 11.90 -19.56 -16.22
C ALA A 227 13.06 -18.72 -16.73
N TRP A 228 13.84 -18.15 -15.80
CA TRP A 228 15.02 -17.34 -16.12
C TRP A 228 16.17 -18.16 -16.74
N SER A 229 16.35 -19.39 -16.27
CA SER A 229 17.31 -20.33 -16.89
C SER A 229 16.94 -20.64 -18.34
N ASP A 230 15.68 -21.00 -18.54
CA ASP A 230 15.17 -21.34 -19.88
C ASP A 230 15.23 -20.14 -20.83
N ALA A 231 14.91 -18.95 -20.32
CA ALA A 231 14.95 -17.72 -21.11
C ALA A 231 16.38 -17.29 -21.46
N LEU A 232 17.29 -17.39 -20.48
CA LEU A 232 18.72 -17.11 -20.73
C LEU A 232 19.33 -18.11 -21.71
N ARG A 233 18.98 -19.39 -21.55
CA ARG A 233 19.42 -20.44 -22.48
C ARG A 233 18.90 -20.19 -23.89
N GLN A 234 17.61 -19.89 -24.01
CA GLN A 234 17.02 -19.51 -25.30
C GLN A 234 17.63 -18.22 -25.85
N ALA A 235 17.90 -17.25 -24.97
CA ALA A 235 18.55 -16.00 -25.36
C ALA A 235 19.94 -16.23 -25.92
N PHE A 236 20.74 -17.03 -25.20
CA PHE A 236 22.08 -17.39 -25.67
C PHE A 236 22.05 -18.33 -26.89
N SER A 237 21.03 -19.18 -26.99
CA SER A 237 20.82 -20.00 -28.18
C SER A 237 20.63 -19.14 -29.43
N LYS A 238 19.94 -18.00 -29.27
CA LYS A 238 19.79 -17.02 -30.37
C LYS A 238 21.08 -16.24 -30.63
N ILE A 239 21.87 -15.99 -29.59
CA ILE A 239 23.19 -15.35 -29.75
C ILE A 239 24.15 -16.21 -30.58
N GLU A 240 24.21 -17.51 -30.28
CA GLU A 240 25.06 -18.44 -31.03
C GLU A 240 24.53 -18.66 -32.47
N GLU A 241 23.22 -18.62 -32.64
CA GLU A 241 22.59 -18.66 -33.97
C GLU A 241 22.80 -17.34 -34.74
N PHE A 242 22.75 -16.22 -34.02
CA PHE A 242 22.94 -14.87 -34.59
C PHE A 242 24.26 -14.72 -35.35
N ASP A 243 25.35 -15.25 -34.77
CA ASP A 243 26.65 -15.28 -35.46
C ASP A 243 26.68 -16.42 -36.46
N THR B 2 -25.92 -1.49 -9.76
CA THR B 2 -24.42 -1.52 -9.84
C THR B 2 -23.79 -1.88 -8.48
N TYR B 3 -22.48 -2.18 -8.49
CA TYR B 3 -21.85 -2.97 -7.42
C TYR B 3 -20.89 -2.24 -6.47
N ALA B 4 -20.90 -2.65 -5.20
CA ALA B 4 -19.86 -2.25 -4.25
C ALA B 4 -19.65 -3.33 -3.19
N VAL B 5 -18.42 -3.37 -2.66
CA VAL B 5 -17.99 -4.42 -1.74
C VAL B 5 -16.97 -3.87 -0.73
N ALA B 6 -17.00 -4.40 0.49
CA ALA B 6 -16.06 -4.01 1.53
C ALA B 6 -15.69 -5.17 2.43
N PHE B 7 -14.44 -5.16 2.91
CA PHE B 7 -13.88 -6.20 3.77
C PHE B 7 -13.39 -5.60 5.09
N ARG B 8 -13.75 -6.26 6.20
CA ARG B 8 -13.20 -5.95 7.52
C ARG B 8 -12.15 -7.00 7.87
N LEU B 9 -10.90 -6.56 7.98
CA LEU B 9 -9.76 -7.44 8.24
C LEU B 9 -9.09 -7.04 9.54
N GLU B 10 -8.24 -7.91 10.07
CA GLU B 10 -7.47 -7.62 11.27
C GLU B 10 -6.54 -6.42 11.08
N ARG B 11 -5.94 -6.31 9.90
CA ARG B 11 -5.02 -5.21 9.58
C ARG B 11 -5.70 -3.92 9.09
N GLY B 12 -7.00 -3.96 8.81
CA GLY B 12 -7.75 -2.75 8.46
C GLY B 12 -9.02 -3.00 7.64
N LEU B 13 -9.33 -2.06 6.74
CA LEU B 13 -10.54 -2.11 5.93
C LEU B 13 -10.19 -1.90 4.46
N VAL B 14 -10.96 -2.57 3.58
CA VAL B 14 -10.84 -2.39 2.13
C VAL B 14 -12.24 -2.13 1.57
N PHE B 15 -12.36 -1.11 0.73
CA PHE B 15 -13.62 -0.69 0.11
C PHE B 15 -13.46 -0.63 -1.40
N ALA B 16 -14.46 -1.11 -2.13
CA ALA B 16 -14.45 -1.05 -3.60
C ALA B 16 -15.85 -0.83 -4.18
N ALA B 17 -15.93 0.02 -5.20
CA ALA B 17 -17.18 0.27 -5.94
C ALA B 17 -16.87 0.58 -7.40
N ASP B 18 -17.66 0.01 -8.32
CA ASP B 18 -17.51 0.33 -9.74
C ASP B 18 -18.20 1.65 -10.09
N THR B 19 -17.80 2.24 -11.21
CA THR B 19 -18.28 3.55 -11.64
C THR B 19 -19.48 3.41 -12.57
N LYS B 32 -19.06 10.43 -7.12
CA LYS B 32 -18.37 9.24 -6.62
C LYS B 32 -19.29 8.38 -5.75
N LYS B 33 -19.24 7.06 -5.96
CA LYS B 33 -19.98 6.10 -5.12
C LYS B 33 -19.18 5.66 -3.88
N LEU B 34 -17.93 6.09 -3.78
CA LEU B 34 -17.11 5.94 -2.59
C LEU B 34 -16.84 7.34 -2.02
N GLN B 35 -17.27 7.59 -0.79
CA GLN B 35 -17.20 8.91 -0.15
C GLN B 35 -16.38 8.87 1.14
N LEU B 36 -15.49 9.86 1.31
CA LEU B 36 -14.52 9.92 2.42
C LEU B 36 -14.76 11.09 3.38
N TRP B 37 -14.61 10.83 4.67
CA TRP B 37 -14.51 11.87 5.70
C TRP B 37 -13.30 11.56 6.60
N ARG B 38 -12.63 12.61 7.09
CA ARG B 38 -11.43 12.44 7.91
C ARG B 38 -11.17 13.63 8.84
N GLN B 39 -10.70 13.31 10.06
CA GLN B 39 -10.01 14.26 10.93
C GLN B 39 -8.62 13.67 11.21
N PRO B 40 -7.54 14.35 10.77
CA PRO B 40 -6.15 13.85 10.91
C PRO B 40 -5.81 13.27 12.28
N GLY B 41 -5.38 12.01 12.30
CA GLY B 41 -4.98 11.33 13.54
C GLY B 41 -6.08 10.93 14.52
N GLU B 42 -7.34 11.26 14.20
CA GLU B 42 -8.46 11.14 15.13
C GLU B 42 -9.55 10.17 14.64
N ARG B 43 -10.00 10.35 13.40
CA ARG B 43 -11.05 9.50 12.84
C ARG B 43 -11.09 9.50 11.31
N VAL B 44 -11.54 8.37 10.75
CA VAL B 44 -11.71 8.19 9.30
C VAL B 44 -13.00 7.43 9.07
N PHE B 45 -13.76 7.85 8.04
CA PHE B 45 -15.00 7.17 7.65
C PHE B 45 -15.08 7.01 6.12
N VAL B 46 -15.66 5.91 5.69
CA VAL B 46 -15.92 5.65 4.26
C VAL B 46 -17.36 5.16 4.09
N LEU B 47 -18.08 5.80 3.16
CA LEU B 47 -19.42 5.36 2.75
C LEU B 47 -19.37 4.81 1.33
N LEU B 48 -19.95 3.64 1.11
CA LEU B 48 -20.10 3.03 -0.22
C LEU B 48 -21.58 2.98 -0.58
N SER B 49 -21.87 3.30 -1.84
CA SER B 49 -23.25 3.34 -2.35
C SER B 49 -23.45 2.37 -3.52
N ALA B 50 -24.69 1.90 -3.65
CA ALA B 50 -25.11 1.05 -4.77
C ALA B 50 -26.48 1.46 -5.31
N GLY B 51 -26.77 2.76 -5.26
CA GLY B 51 -28.00 3.34 -5.80
C GLY B 51 -27.68 4.41 -6.82
N ASN B 52 -28.71 5.11 -7.29
CA ASN B 52 -28.53 6.20 -8.25
C ASN B 52 -27.77 7.39 -7.65
N LEU B 53 -27.36 8.31 -8.52
CA LEU B 53 -26.59 9.50 -8.09
C LEU B 53 -27.36 10.34 -7.06
N ALA B 54 -28.65 10.54 -7.31
CA ALA B 54 -29.52 11.35 -6.44
C ALA B 54 -29.62 10.82 -5.00
N ALA B 55 -29.79 9.51 -4.87
CA ALA B 55 -29.87 8.85 -3.56
C ALA B 55 -28.56 8.99 -2.79
N THR B 56 -27.44 8.72 -3.46
CA THR B 56 -26.11 8.90 -2.88
C THR B 56 -25.86 10.36 -2.49
N GLN B 57 -26.23 11.28 -3.38
CA GLN B 57 -26.06 12.72 -3.14
C GLN B 57 -26.90 13.22 -1.95
N ALA B 58 -28.14 12.75 -1.86
CA ALA B 58 -29.04 13.12 -0.75
C ALA B 58 -28.50 12.69 0.61
N VAL B 59 -27.99 11.46 0.69
CA VAL B 59 -27.42 10.92 1.94
C VAL B 59 -26.17 11.68 2.35
N VAL B 60 -25.26 11.91 1.40
CA VAL B 60 -24.01 12.64 1.66
C VAL B 60 -24.28 14.07 2.11
N SER B 61 -25.22 14.75 1.43
CA SER B 61 -25.57 16.13 1.75
C SER B 61 -26.15 16.30 3.16
N LEU B 62 -26.93 15.32 3.61
CA LEU B 62 -27.48 15.34 4.98
C LEU B 62 -26.40 15.14 6.04
N ILE B 63 -25.45 14.23 5.79
CA ILE B 63 -24.30 14.03 6.69
C ILE B 63 -23.48 15.32 6.80
N ASN B 64 -23.19 15.94 5.64
CA ASN B 64 -22.42 17.19 5.61
C ASN B 64 -23.17 18.41 6.16
N GLU B 65 -24.50 18.42 5.99
CA GLU B 65 -25.36 19.46 6.58
C GLU B 65 -25.21 19.49 8.11
N HIS B 66 -25.22 18.32 8.74
CA HIS B 66 -25.03 18.22 10.20
C HIS B 66 -23.60 18.56 10.62
N LEU B 67 -22.62 18.21 9.80
CA LEU B 67 -21.24 18.59 10.06
C LEU B 67 -20.99 20.11 9.94
N SER B 68 -21.69 20.77 9.00
CA SER B 68 -21.41 22.16 8.63
C SER B 68 -22.34 23.22 9.24
N GLN B 69 -23.61 22.87 9.49
CA GLN B 69 -24.64 23.85 9.88
C GLN B 69 -25.43 23.53 11.17
N GLU B 70 -25.03 22.51 11.92
CA GLU B 70 -25.84 22.05 13.06
C GLU B 70 -25.74 23.01 14.24
N THR B 71 -26.90 23.46 14.72
CA THR B 71 -27.00 24.39 15.87
C THR B 71 -27.21 23.67 17.21
N ASP B 72 -27.74 22.45 17.18
CA ASP B 72 -28.03 21.68 18.40
C ASP B 72 -26.87 20.74 18.74
N ASP B 73 -26.21 21.00 19.87
CA ASP B 73 -25.00 20.27 20.27
C ASP B 73 -25.23 18.81 20.69
N GLU B 74 -26.44 18.49 21.16
CA GLU B 74 -26.78 17.12 21.55
C GLU B 74 -26.97 16.15 20.36
N VAL B 75 -27.15 16.69 19.15
CA VAL B 75 -27.27 15.87 17.93
C VAL B 75 -25.89 15.32 17.56
N THR B 76 -25.80 14.00 17.42
CA THR B 76 -24.54 13.33 17.09
C THR B 76 -24.23 13.49 15.60
N THR B 77 -22.97 13.85 15.32
CA THR B 77 -22.45 13.94 13.95
C THR B 77 -21.35 12.90 13.80
N LEU B 78 -20.79 12.79 12.59
CA LEU B 78 -19.64 11.91 12.35
C LEU B 78 -18.39 12.32 13.16
N PHE B 79 -18.24 13.62 13.41
CA PHE B 79 -17.09 14.12 14.18
C PHE B 79 -17.30 14.20 15.70
N THR B 80 -18.54 14.10 16.16
CA THR B 80 -18.84 14.03 17.61
C THR B 80 -19.12 12.61 18.13
N ALA B 81 -19.32 11.64 17.22
CA ALA B 81 -19.62 10.27 17.61
C ALA B 81 -18.44 9.66 18.40
N PRO B 82 -18.70 9.13 19.60
CA PRO B 82 -17.62 8.58 20.43
C PRO B 82 -17.10 7.22 19.96
N ASN B 83 -17.92 6.48 19.22
CA ASN B 83 -17.51 5.19 18.65
C ASN B 83 -18.22 4.92 17.30
N MET B 84 -17.80 3.86 16.62
CA MET B 84 -18.30 3.55 15.27
C MET B 84 -19.75 3.07 15.22
N TYR B 85 -20.26 2.48 16.30
CA TYR B 85 -21.69 2.16 16.40
C TYR B 85 -22.53 3.44 16.34
N ARG B 86 -22.12 4.44 17.12
CA ARG B 86 -22.79 5.75 17.13
C ARG B 86 -22.66 6.47 15.78
N ALA B 87 -21.52 6.31 15.12
CA ALA B 87 -21.31 6.85 13.77
C ALA B 87 -22.22 6.17 12.74
N ALA B 88 -22.38 4.85 12.84
CA ALA B 88 -23.29 4.11 11.96
C ALA B 88 -24.75 4.55 12.11
N ARG B 89 -25.16 4.87 13.34
CA ARG B 89 -26.50 5.41 13.59
C ARG B 89 -26.72 6.79 12.96
N VAL B 90 -25.67 7.62 12.93
CA VAL B 90 -25.72 8.91 12.21
C VAL B 90 -25.97 8.68 10.72
N VAL B 91 -25.24 7.73 10.13
CA VAL B 91 -25.41 7.39 8.71
C VAL B 91 -26.80 6.80 8.46
N GLY B 92 -27.24 5.91 9.35
CA GLY B 92 -28.60 5.35 9.33
C GLY B 92 -29.70 6.40 9.28
N ASP B 93 -29.55 7.46 10.09
CA ASP B 93 -30.50 8.58 10.09
C ASP B 93 -30.55 9.29 8.73
N ALA B 94 -29.38 9.53 8.14
CA ALA B 94 -29.28 10.19 6.83
C ALA B 94 -29.86 9.34 5.71
N VAL B 95 -29.58 8.03 5.73
CA VAL B 95 -30.12 7.09 4.74
C VAL B 95 -31.66 7.08 4.76
N ARG B 96 -32.22 7.11 5.97
CA ARG B 96 -33.67 7.13 6.17
C ARG B 96 -34.28 8.48 5.76
N GLU B 97 -33.69 9.56 6.25
CA GLU B 97 -34.15 10.92 5.92
C GLU B 97 -33.99 11.30 4.45
N ALA B 98 -33.02 10.70 3.76
CA ALA B 98 -32.81 10.93 2.31
C ALA B 98 -34.00 10.52 1.45
N ARG B 99 -34.72 9.49 1.89
CA ARG B 99 -35.93 9.01 1.19
C ARG B 99 -37.11 9.99 1.24
N SER B 100 -37.08 10.96 2.16
CA SER B 100 -38.01 12.09 2.14
C SER B 100 -37.75 13.03 0.96
N ILE B 101 -36.47 13.34 0.72
CA ILE B 101 -36.06 14.18 -0.42
C ILE B 101 -36.20 13.37 -1.72
N ASN B 114 -34.67 2.22 -2.10
CA ASN B 114 -34.59 0.79 -1.87
C ASN B 114 -33.23 0.23 -2.31
N THR B 115 -32.17 0.77 -1.71
CA THR B 115 -30.79 0.33 -1.94
C THR B 115 -29.98 0.41 -0.65
N ASN B 116 -29.13 -0.59 -0.42
CA ASN B 116 -28.28 -0.64 0.78
C ASN B 116 -27.03 0.21 0.62
N PHE B 117 -26.44 0.57 1.76
CA PHE B 117 -25.14 1.25 1.82
C PHE B 117 -24.19 0.44 2.69
N ILE B 118 -22.90 0.66 2.48
CA ILE B 118 -21.86 0.10 3.35
C ILE B 118 -21.14 1.28 4.00
N PHE B 119 -20.93 1.19 5.32
CA PHE B 119 -20.27 2.23 6.08
C PHE B 119 -19.22 1.64 7.00
N GLY B 120 -17.99 2.15 6.91
CA GLY B 120 -16.89 1.66 7.73
C GLY B 120 -15.93 2.77 8.10
N GLY B 121 -15.09 2.51 9.10
CA GLY B 121 -14.10 3.48 9.54
C GLY B 121 -13.47 3.15 10.88
N GLN B 122 -12.75 4.13 11.42
CA GLN B 122 -12.13 3.99 12.73
C GLN B 122 -12.10 5.32 13.46
N ILE B 123 -12.38 5.26 14.77
CA ILE B 123 -12.25 6.41 15.67
C ILE B 123 -11.18 6.02 16.71
N LYS B 124 -10.34 6.98 17.09
CA LYS B 124 -9.23 6.72 18.01
C LYS B 124 -9.69 6.12 19.34
N GLY B 125 -8.99 5.09 19.81
CA GLY B 125 -9.36 4.34 21.00
C GLY B 125 -10.19 3.10 20.74
N GLU B 126 -10.49 2.81 19.47
CA GLU B 126 -11.34 1.68 19.10
C GLU B 126 -10.82 1.01 17.81
N ARG B 127 -11.10 -0.29 17.69
CA ARG B 127 -10.79 -1.05 16.47
C ARG B 127 -11.55 -0.51 15.25
N PRO B 128 -11.07 -0.80 14.03
CA PRO B 128 -11.88 -0.46 12.85
C PRO B 128 -13.12 -1.34 12.77
N ARG B 129 -14.25 -0.77 12.34
CA ARG B 129 -15.52 -1.49 12.27
C ARG B 129 -16.23 -1.20 10.95
N LEU B 130 -17.05 -2.16 10.52
CA LEU B 130 -17.72 -2.12 9.21
C LEU B 130 -19.18 -2.52 9.33
N PHE B 131 -20.05 -1.77 8.65
CA PHE B 131 -21.51 -1.93 8.75
C PHE B 131 -22.17 -1.93 7.37
N GLN B 132 -23.30 -2.63 7.28
CA GLN B 132 -24.18 -2.56 6.11
C GLN B 132 -25.48 -1.90 6.56
N ILE B 133 -25.85 -0.79 5.90
CA ILE B 133 -27.03 0.01 6.27
C ILE B 133 -28.18 -0.35 5.34
N TYR B 134 -29.36 -0.63 5.92
CA TYR B 134 -30.58 -0.92 5.15
C TYR B 134 -31.39 0.38 4.92
N PRO B 135 -32.39 0.38 4.00
CA PRO B 135 -33.13 1.60 3.67
C PRO B 135 -33.84 2.34 4.83
N GLU B 136 -34.29 1.61 5.84
CA GLU B 136 -34.92 2.23 7.03
C GLU B 136 -33.91 2.80 8.04
N GLY B 137 -32.60 2.60 7.81
CA GLY B 137 -31.56 3.14 8.67
C GLY B 137 -30.99 2.15 9.68
N ASN B 138 -31.69 1.03 9.88
CA ASN B 138 -31.14 -0.09 10.66
C ASN B 138 -29.95 -0.72 9.94
N PHE B 139 -29.08 -1.38 10.69
CA PHE B 139 -27.85 -1.93 10.14
C PHE B 139 -27.40 -3.21 10.85
N ILE B 140 -26.45 -3.89 10.21
CA ILE B 140 -25.75 -5.04 10.78
C ILE B 140 -24.25 -4.81 10.69
N GLU B 141 -23.50 -5.33 11.66
CA GLU B 141 -22.05 -5.16 11.70
C GLU B 141 -21.33 -6.40 11.16
N ALA B 142 -20.20 -6.18 10.48
CA ALA B 142 -19.37 -7.28 9.98
C ALA B 142 -18.73 -8.04 11.13
N THR B 143 -18.94 -9.36 11.14
CA THR B 143 -18.29 -10.26 12.09
C THR B 143 -17.17 -11.02 11.35
N ASP B 144 -16.30 -11.67 12.11
CA ASP B 144 -15.20 -12.43 11.51
C ASP B 144 -15.65 -13.74 10.81
N ASP B 145 -16.88 -14.19 11.09
CA ASP B 145 -17.49 -15.33 10.38
C ASP B 145 -17.73 -15.00 8.91
N THR B 146 -18.37 -13.86 8.67
CA THR B 146 -18.52 -13.29 7.32
C THR B 146 -17.93 -11.87 7.34
N PRO B 147 -16.63 -11.73 7.01
CA PRO B 147 -15.92 -10.45 7.17
C PRO B 147 -16.11 -9.41 6.04
N PHE B 148 -17.18 -9.55 5.25
CA PHE B 148 -17.42 -8.66 4.12
C PHE B 148 -18.91 -8.40 3.90
N PHE B 149 -19.18 -7.32 3.17
CA PHE B 149 -20.53 -6.99 2.71
C PHE B 149 -20.48 -6.70 1.22
N GLN B 150 -21.60 -6.99 0.55
CA GLN B 150 -21.79 -6.71 -0.87
C GLN B 150 -23.14 -6.03 -1.04
N ILE B 151 -23.18 -4.98 -1.87
CA ILE B 151 -24.42 -4.27 -2.18
C ILE B 151 -24.56 -4.05 -3.69
N GLY B 152 -25.80 -3.91 -4.14
CA GLY B 152 -26.12 -3.70 -5.55
C GLY B 152 -27.22 -4.61 -6.06
N GLU B 153 -27.38 -4.63 -7.37
CA GLU B 153 -28.38 -5.47 -8.04
C GLU B 153 -28.05 -6.95 -7.90
N HIS B 154 -26.77 -7.28 -8.13
CA HIS B 154 -26.26 -8.64 -8.00
C HIS B 154 -24.98 -8.62 -7.17
N LYS B 155 -24.94 -9.45 -6.13
CA LYS B 155 -23.74 -9.59 -5.29
C LYS B 155 -22.70 -10.43 -6.05
N TYR B 156 -22.01 -9.77 -6.97
CA TYR B 156 -21.07 -10.44 -7.88
C TYR B 156 -19.92 -11.08 -7.12
N GLY B 157 -19.72 -12.38 -7.36
CA GLY B 157 -18.62 -13.13 -6.74
C GLY B 157 -18.85 -13.60 -5.31
N LYS B 158 -20.10 -13.57 -4.84
CA LYS B 158 -20.43 -14.01 -3.46
C LYS B 158 -19.90 -15.42 -3.13
N PRO B 159 -20.06 -16.40 -4.05
CA PRO B 159 -19.56 -17.75 -3.76
C PRO B 159 -18.04 -17.83 -3.60
N ILE B 160 -17.30 -17.07 -4.40
CA ILE B 160 -15.84 -17.03 -4.31
C ILE B 160 -15.41 -16.37 -2.98
N LEU B 161 -16.11 -15.32 -2.57
CA LEU B 161 -15.83 -14.65 -1.29
C LEU B 161 -16.19 -15.54 -0.10
N ASP B 162 -17.35 -16.18 -0.14
CA ASP B 162 -17.76 -17.15 0.92
C ASP B 162 -16.72 -18.26 1.14
N ARG B 163 -16.14 -18.77 0.05
CA ARG B 163 -15.20 -19.88 0.10
C ARG B 163 -13.77 -19.48 0.49
N VAL B 164 -13.30 -18.35 -0.03
CA VAL B 164 -11.88 -17.96 0.05
C VAL B 164 -11.57 -16.91 1.13
N ALA B 165 -12.51 -16.02 1.43
CA ALA B 165 -12.27 -14.88 2.35
C ALA B 165 -11.88 -15.32 3.76
N ARG B 166 -10.81 -14.71 4.29
CA ARG B 166 -10.41 -14.86 5.69
C ARG B 166 -10.24 -13.48 6.33
N SER B 167 -10.60 -13.37 7.61
CA SER B 167 -10.41 -12.12 8.37
C SER B 167 -8.94 -11.76 8.61
N ASP B 168 -8.05 -12.76 8.54
CA ASP B 168 -6.60 -12.55 8.71
C ASP B 168 -5.79 -12.26 7.42
N MET B 169 -6.48 -12.00 6.31
CA MET B 169 -5.81 -11.67 5.04
C MET B 169 -5.07 -10.34 5.11
N ARG B 170 -4.02 -10.22 4.30
CA ARG B 170 -3.34 -8.94 4.08
C ARG B 170 -4.27 -8.01 3.30
N LEU B 171 -4.00 -6.71 3.38
CA LEU B 171 -4.88 -5.70 2.78
C LEU B 171 -4.89 -5.77 1.25
N GLY B 172 -3.72 -5.89 0.65
CA GLY B 172 -3.58 -6.10 -0.80
C GLY B 172 -4.19 -7.42 -1.27
N GLU B 173 -3.95 -8.47 -0.49
CA GLU B 173 -4.53 -9.80 -0.72
C GLU B 173 -6.07 -9.75 -0.79
N ALA B 174 -6.68 -9.05 0.16
CA ALA B 174 -8.14 -8.86 0.18
C ALA B 174 -8.65 -8.07 -1.02
N ALA B 175 -7.92 -7.00 -1.37
CA ALA B 175 -8.27 -6.17 -2.53
C ALA B 175 -8.24 -6.96 -3.84
N LYS B 176 -7.25 -7.83 -4.00
CA LYS B 176 -7.16 -8.72 -5.17
C LYS B 176 -8.35 -9.67 -5.26
N LEU B 177 -8.71 -10.28 -4.12
CA LEU B 177 -9.87 -11.18 -4.06
C LEU B 177 -11.19 -10.46 -4.39
N MET B 178 -11.34 -9.24 -3.90
CA MET B 178 -12.54 -8.43 -4.16
C MET B 178 -12.69 -8.12 -5.64
N LEU B 179 -11.59 -7.74 -6.29
CA LEU B 179 -11.58 -7.44 -7.74
C LEU B 179 -11.77 -8.70 -8.61
N LEU B 180 -11.08 -9.78 -8.24
CA LEU B 180 -11.17 -11.05 -8.99
C LEU B 180 -12.54 -11.73 -8.87
N SER B 181 -13.14 -11.71 -7.68
CA SER B 181 -14.47 -12.26 -7.47
C SER B 181 -15.53 -11.47 -8.25
N PHE B 182 -15.39 -10.14 -8.24
CA PHE B 182 -16.25 -9.22 -8.99
C PHE B 182 -16.19 -9.53 -10.49
N ASP B 183 -14.99 -9.44 -11.06
CA ASP B 183 -14.72 -9.82 -12.45
C ASP B 183 -15.65 -9.06 -13.42
N SER B 184 -15.57 -7.73 -13.36
CA SER B 184 -16.47 -6.84 -14.10
C SER B 184 -16.32 -6.96 -15.62
N PRO B 195 -14.51 1.54 -14.95
CA PRO B 195 -13.44 1.42 -13.96
C PRO B 195 -13.95 1.16 -12.54
N ILE B 196 -13.02 0.83 -11.64
CA ILE B 196 -13.33 0.47 -10.25
C ILE B 196 -12.58 1.41 -9.30
N ASP B 197 -13.32 2.04 -8.38
CA ASP B 197 -12.72 2.86 -7.31
C ASP B 197 -12.43 1.95 -6.11
N LEU B 198 -11.18 2.00 -5.63
CA LEU B 198 -10.69 1.15 -4.55
C LEU B 198 -10.07 2.03 -3.46
N VAL B 199 -10.39 1.72 -2.19
CA VAL B 199 -9.77 2.39 -1.03
C VAL B 199 -9.34 1.34 -0.01
N ILE B 200 -8.08 1.43 0.42
CA ILE B 200 -7.51 0.56 1.45
C ILE B 200 -7.16 1.42 2.65
N TYR B 201 -7.73 1.08 3.81
CA TYR B 201 -7.44 1.77 5.07
C TYR B 201 -6.62 0.86 5.97
N GLU B 202 -5.48 1.37 6.43
CA GLU B 202 -4.61 0.64 7.34
C GLU B 202 -4.98 1.00 8.79
N ARG B 203 -5.10 -0.04 9.62
CA ARG B 203 -5.53 0.10 11.03
C ARG B 203 -4.61 1.03 11.83
N ASP B 204 -5.23 1.95 12.58
CA ASP B 204 -4.56 2.92 13.48
C ASP B 204 -3.75 4.04 12.79
N THR B 205 -3.90 4.20 11.47
CA THR B 205 -3.24 5.30 10.75
C THR B 205 -4.08 6.58 10.74
N PHE B 206 -5.41 6.43 10.73
CA PHE B 206 -6.36 7.55 10.71
C PHE B 206 -6.13 8.53 9.54
N ASP B 207 -5.81 7.96 8.38
CA ASP B 207 -5.74 8.69 7.11
C ASP B 207 -5.98 7.70 5.98
N VAL B 208 -6.44 8.21 4.83
CA VAL B 208 -6.63 7.43 3.62
C VAL B 208 -5.78 8.04 2.51
N THR B 209 -4.77 7.27 2.08
CA THR B 209 -3.89 7.64 0.98
C THR B 209 -4.03 6.69 -0.21
N ARG B 210 -4.09 5.38 0.06
CA ARG B 210 -4.33 4.39 -0.99
C ARG B 210 -5.75 4.50 -1.53
N GLU B 211 -5.91 5.38 -2.51
CA GLU B 211 -7.18 5.58 -3.21
C GLU B 211 -6.88 5.77 -4.69
N LYS B 212 -7.44 4.91 -5.54
CA LYS B 212 -7.23 5.01 -6.97
C LYS B 212 -8.35 4.38 -7.80
N ARG B 213 -8.46 4.85 -9.04
CA ARG B 213 -9.44 4.36 -10.00
C ARG B 213 -8.77 3.39 -10.96
N ILE B 214 -9.10 2.11 -10.84
CA ILE B 214 -8.51 1.05 -11.66
C ILE B 214 -9.32 0.90 -12.95
N SER B 215 -8.68 1.17 -14.09
CA SER B 215 -9.30 0.98 -15.40
C SER B 215 -9.17 -0.47 -15.85
N ALA B 216 -9.93 -0.83 -16.89
CA ALA B 216 -9.91 -2.18 -17.46
C ALA B 216 -8.60 -2.50 -18.16
N ASP B 217 -8.04 -1.51 -18.87
CA ASP B 217 -6.79 -1.68 -19.62
C ASP B 217 -5.51 -1.74 -18.76
N ASP B 218 -5.61 -1.47 -17.45
CA ASP B 218 -4.46 -1.48 -16.53
C ASP B 218 -3.69 -2.81 -16.60
N GLU B 219 -2.37 -2.70 -16.73
CA GLU B 219 -1.50 -3.85 -17.03
C GLU B 219 -1.39 -4.85 -15.89
N TYR B 220 -1.40 -4.34 -14.65
CA TYR B 220 -1.37 -5.19 -13.44
C TYR B 220 -2.63 -6.06 -13.31
N PHE B 221 -3.79 -5.44 -13.52
CA PHE B 221 -5.08 -6.14 -13.47
C PHE B 221 -5.24 -7.15 -14.62
N ARG B 222 -4.64 -6.84 -15.77
CA ARG B 222 -4.55 -7.80 -16.89
C ARG B 222 -3.77 -9.07 -16.52
N ASN B 223 -2.56 -8.88 -15.99
CA ASN B 223 -1.69 -10.00 -15.60
C ASN B 223 -2.30 -10.87 -14.48
N LEU B 224 -2.95 -10.21 -13.51
CA LEU B 224 -3.65 -10.91 -12.43
C LEU B 224 -4.83 -11.71 -12.96
N SER B 225 -5.59 -11.14 -13.89
CA SER B 225 -6.73 -11.80 -14.52
C SER B 225 -6.33 -13.05 -15.31
N ASN B 226 -5.25 -12.95 -16.07
CA ASN B 226 -4.71 -14.11 -16.82
C ASN B 226 -4.22 -15.21 -15.89
N ALA B 227 -3.59 -14.82 -14.78
CA ALA B 227 -3.13 -15.77 -13.75
C ALA B 227 -4.30 -16.46 -13.03
N TRP B 228 -5.40 -15.72 -12.84
CA TRP B 228 -6.61 -16.25 -12.22
C TRP B 228 -7.31 -17.29 -13.11
N SER B 229 -7.40 -17.03 -14.41
CA SER B 229 -7.94 -17.99 -15.38
C SER B 229 -7.18 -19.31 -15.33
N ASP B 230 -5.86 -19.23 -15.42
CA ASP B 230 -4.98 -20.41 -15.35
C ASP B 230 -5.09 -21.13 -14.00
N ALA B 231 -5.15 -20.36 -12.92
CA ALA B 231 -5.33 -20.91 -11.57
C ALA B 231 -6.69 -21.59 -11.40
N LEU B 232 -7.73 -21.01 -12.00
CA LEU B 232 -9.07 -21.62 -12.04
C LEU B 232 -9.08 -22.89 -12.90
N ARG B 233 -8.40 -22.86 -14.04
CA ARG B 233 -8.28 -24.03 -14.91
C ARG B 233 -7.52 -25.17 -14.23
N GLN B 234 -6.42 -24.84 -13.55
CA GLN B 234 -5.69 -25.79 -12.70
C GLN B 234 -6.59 -26.35 -11.60
N ALA B 235 -7.33 -25.46 -10.95
CA ALA B 235 -8.25 -25.82 -9.87
C ALA B 235 -9.36 -26.75 -10.34
N PHE B 236 -9.96 -26.43 -11.50
CA PHE B 236 -11.01 -27.27 -12.07
C PHE B 236 -10.48 -28.62 -12.57
N SER B 237 -9.29 -28.63 -13.17
CA SER B 237 -8.61 -29.87 -13.58
C SER B 237 -8.44 -30.87 -12.43
N LYS B 238 -8.17 -30.35 -11.24
CA LYS B 238 -8.02 -31.17 -10.02
C LYS B 238 -9.34 -31.79 -9.53
N ILE B 239 -10.47 -31.17 -9.89
CA ILE B 239 -11.80 -31.64 -9.51
C ILE B 239 -12.50 -32.48 -10.61
N GLU B 240 -12.07 -32.31 -11.86
CA GLU B 240 -12.39 -33.27 -12.93
C GLU B 240 -12.00 -34.68 -12.48
N GLU B 241 -10.80 -34.77 -11.90
CA GLU B 241 -10.38 -35.92 -11.10
C GLU B 241 -11.27 -36.03 -9.85
S SO4 C . 2.81 -1.97 -10.71
O1 SO4 C . 2.08 -1.42 -9.56
O2 SO4 C . 3.65 -3.11 -10.28
O3 SO4 C . 3.67 -0.92 -11.29
O4 SO4 C . 1.85 -2.42 -11.73
S SO4 D . 8.01 17.50 -8.06
O1 SO4 D . 6.67 16.87 -8.19
O2 SO4 D . 8.76 16.84 -6.98
O3 SO4 D . 8.74 17.34 -9.34
O4 SO4 D . 7.84 18.93 -7.77
S SO4 E . 32.27 -5.10 -7.82
O1 SO4 E . 32.59 -4.71 -6.43
O2 SO4 E . 30.97 -5.82 -7.84
O3 SO4 E . 33.33 -5.97 -8.35
O4 SO4 E . 32.18 -3.88 -8.65
S SO4 F . -21.66 -14.98 -9.16
O1 SO4 F . -21.91 -16.41 -8.84
O2 SO4 F . -22.36 -14.13 -8.17
O3 SO4 F . -22.16 -14.68 -10.52
O4 SO4 F . -20.21 -14.71 -9.12
S SO4 G . -27.95 6.97 19.57
O1 SO4 G . -27.52 5.75 20.28
O2 SO4 G . -29.42 6.96 19.41
O3 SO4 G . -27.55 8.16 20.36
O4 SO4 G . -27.31 7.04 18.25
#